data_1DMY
#
_entry.id   1DMY
#
_cell.length_a   48.690
_cell.length_b   60.370
_cell.length_c   60.440
_cell.angle_alpha   67.65
_cell.angle_beta   75.26
_cell.angle_gamma   75.21
#
_symmetry.space_group_name_H-M   'P 1'
#
loop_
_entity.id
_entity.type
_entity.pdbx_description
1 polymer 'MURINE CARBONIC ANHYDRASE V'
2 non-polymer 'ZINC ION'
3 non-polymer 5-ACETAMIDO-1,3,4-THIADIAZOLE-2-SULFONAMIDE
4 water water
#
_entity_poly.entity_id   1
_entity_poly.type   'polypeptide(L)'
_entity_poly.pdbx_seq_one_letter_code
;CATGTRQSPINIQWKDSVYDPQLAPLRVSYDAASCRYLWNTGYFFQVEFDDSCEDSGISGGPLGNHYRLKQFHFHWGATD
EWGSEHAVDGHTYPAELHLVHWNSTKYENYKKASVGENGLAVIGVFLKLGAHHQALQKLVDVLPEVRHKDTQVAMGPFDP
SCLMPACRDYWTYPGSLTTPPLAESVTWIVQKTPVEVSPSQLSMFRTLLFSGRGEEEDVMVNNYRPLQPLRDRKLRSSFR
LDRTKMRS
;
_entity_poly.pdbx_strand_id   A,B
#
# COMPACT_ATOMS: atom_id res chain seq x y z
N GLY A 4 11.16 -7.66 31.03
CA GLY A 4 11.78 -8.64 30.09
C GLY A 4 12.62 -7.95 29.03
N THR A 5 12.76 -8.63 27.89
CA THR A 5 13.55 -8.13 26.75
C THR A 5 12.72 -7.60 25.57
N ARG A 6 11.48 -8.05 25.45
CA ARG A 6 10.60 -7.63 24.36
C ARG A 6 9.50 -6.67 24.81
N GLN A 7 9.90 -5.53 25.38
CA GLN A 7 8.93 -4.56 25.90
C GLN A 7 8.70 -3.37 24.99
N SER A 8 7.50 -2.81 25.08
CA SER A 8 7.12 -1.64 24.28
C SER A 8 6.66 -0.56 25.23
N PRO A 9 6.65 0.69 24.79
CA PRO A 9 7.02 1.21 23.47
C PRO A 9 8.55 1.30 23.30
N ILE A 10 8.99 1.72 22.12
CA ILE A 10 10.41 1.89 21.81
C ILE A 10 10.52 3.12 20.93
N ASN A 11 11.74 3.62 20.76
CA ASN A 11 12.00 4.78 19.91
C ASN A 11 12.37 4.18 18.55
N ILE A 12 11.53 4.41 17.54
CA ILE A 12 11.78 3.87 16.21
C ILE A 12 12.81 4.71 15.48
N GLN A 13 14.02 4.16 15.35
CA GLN A 13 15.09 4.87 14.67
C GLN A 13 15.48 4.27 13.35
N TRP A 14 15.77 5.14 12.38
CA TRP A 14 16.15 4.75 11.03
C TRP A 14 17.33 3.77 11.04
N LYS A 15 18.36 4.13 11.79
CA LYS A 15 19.58 3.31 11.92
C LYS A 15 19.32 1.86 12.34
N ASP A 16 18.14 1.59 12.89
CA ASP A 16 17.84 0.24 13.35
C ASP A 16 16.93 -0.52 12.42
N SER A 17 16.47 0.14 11.36
CA SER A 17 15.53 -0.48 10.45
C SER A 17 16.12 -1.26 9.28
N VAL A 18 15.53 -2.43 9.05
CA VAL A 18 15.92 -3.32 7.98
C VAL A 18 14.72 -3.69 7.12
N TYR A 19 14.75 -3.25 5.88
CA TYR A 19 13.69 -3.54 4.94
C TYR A 19 13.56 -5.04 4.71
N ASP A 20 12.37 -5.57 4.87
CA ASP A 20 12.16 -6.98 4.59
C ASP A 20 11.20 -6.98 3.42
N PRO A 21 11.69 -7.26 2.19
CA PRO A 21 10.87 -7.30 0.97
C PRO A 21 10.03 -8.55 0.93
N GLN A 22 10.16 -9.37 1.95
CA GLN A 22 9.42 -10.61 2.05
C GLN A 22 8.07 -10.41 2.71
N LEU A 23 7.88 -9.26 3.36
CA LEU A 23 6.61 -8.99 4.03
C LEU A 23 5.46 -8.88 3.03
N ALA A 24 4.45 -9.73 3.18
CA ALA A 24 3.29 -9.73 2.29
C ALA A 24 2.44 -8.47 2.45
N PRO A 25 1.53 -8.22 1.49
CA PRO A 25 0.70 -7.03 1.61
C PRO A 25 -0.17 -7.14 2.86
N LEU A 26 -0.36 -6.03 3.55
CA LEU A 26 -1.16 -6.01 4.76
C LEU A 26 -2.60 -5.77 4.36
N ARG A 27 -3.45 -6.77 4.59
CA ARG A 27 -4.87 -6.66 4.27
C ARG A 27 -5.69 -6.27 5.51
N VAL A 28 -6.34 -5.13 5.44
CA VAL A 28 -7.16 -4.63 6.55
C VAL A 28 -8.62 -4.61 6.12
N SER A 29 -9.48 -5.37 6.79
CA SER A 29 -10.91 -5.37 6.46
C SER A 29 -11.77 -5.44 7.72
N TYR A 30 -12.34 -4.30 8.10
CA TYR A 30 -13.15 -4.24 9.31
C TYR A 30 -14.64 -4.15 9.03
N ASP A 31 -15.40 -4.83 9.87
CA ASP A 31 -16.85 -4.84 9.79
C ASP A 31 -17.34 -3.75 10.74
N ALA A 32 -17.70 -2.58 10.21
CA ALA A 32 -18.16 -1.45 11.02
C ALA A 32 -19.37 -1.75 11.88
N ALA A 33 -20.18 -2.68 11.39
CA ALA A 33 -21.38 -3.07 12.08
C ALA A 33 -21.12 -3.77 13.39
N SER A 34 -19.93 -4.34 13.56
CA SER A 34 -19.63 -5.05 14.79
C SER A 34 -19.20 -4.12 15.91
N CYS A 35 -19.31 -2.82 15.69
CA CYS A 35 -18.97 -1.82 16.71
C CYS A 35 -20.08 -1.78 17.77
N ARG A 36 -19.70 -1.86 19.05
CA ARG A 36 -20.65 -1.89 20.17
C ARG A 36 -20.75 -0.65 21.09
N TYR A 37 -19.70 -0.37 21.87
CA TYR A 37 -19.71 0.78 22.79
C TYR A 37 -18.34 1.38 22.98
N LEU A 38 -18.32 2.56 23.59
CA LEU A 38 -17.11 3.30 23.89
C LEU A 38 -17.15 3.46 25.40
N TRP A 39 -16.03 3.19 26.07
CA TRP A 39 -15.99 3.33 27.52
C TRP A 39 -14.69 3.87 28.08
N ASN A 40 -14.77 4.46 29.27
CA ASN A 40 -13.59 4.97 29.94
C ASN A 40 -13.07 3.86 30.83
N THR A 41 -11.93 3.29 30.48
CA THR A 41 -11.35 2.19 31.26
C THR A 41 -10.79 2.63 32.62
N GLY A 42 -10.49 3.91 32.74
CA GLY A 42 -9.90 4.40 33.96
C GLY A 42 -8.45 4.76 33.65
N TYR A 43 -8.00 4.37 32.45
CA TYR A 43 -6.63 4.65 31.98
C TYR A 43 -6.69 5.42 30.66
N PHE A 44 -7.54 4.97 29.74
CA PHE A 44 -7.77 5.67 28.48
C PHE A 44 -9.20 5.35 28.06
N PHE A 45 -9.65 5.88 26.94
CA PHE A 45 -10.97 5.55 26.47
C PHE A 45 -10.76 4.51 25.34
N GLN A 46 -11.65 3.52 25.30
CA GLN A 46 -11.57 2.42 24.37
C GLN A 46 -12.89 2.12 23.65
N VAL A 47 -12.84 1.86 22.36
CA VAL A 47 -14.03 1.51 21.58
C VAL A 47 -14.03 -0.01 21.46
N GLU A 48 -15.12 -0.65 21.84
CA GLU A 48 -15.19 -2.11 21.82
C GLU A 48 -15.98 -2.72 20.67
N PHE A 49 -15.48 -3.80 20.08
CA PHE A 49 -16.15 -4.50 18.97
C PHE A 49 -16.58 -5.90 19.36
N ASP A 50 -17.47 -6.47 18.55
CA ASP A 50 -17.97 -7.83 18.75
C ASP A 50 -17.09 -8.73 17.86
N ASP A 51 -16.14 -9.42 18.48
CA ASP A 51 -15.21 -10.27 17.72
C ASP A 51 -15.74 -11.62 17.20
N SER A 52 -17.05 -11.76 17.09
CA SER A 52 -17.64 -13.01 16.59
C SER A 52 -17.52 -13.10 15.07
N CYS A 53 -17.32 -11.95 14.43
CA CYS A 53 -17.19 -11.91 12.98
C CYS A 53 -15.78 -12.29 12.52
N GLU A 54 -15.72 -13.39 11.78
CA GLU A 54 -14.48 -13.95 11.27
C GLU A 54 -13.86 -13.21 10.10
N ASP A 55 -14.50 -12.12 9.67
CA ASP A 55 -13.99 -11.35 8.52
C ASP A 55 -13.48 -9.96 8.92
N SER A 56 -13.79 -9.55 10.13
CA SER A 56 -13.37 -8.26 10.63
C SER A 56 -12.03 -8.43 11.31
N GLY A 57 -10.97 -7.89 10.70
CA GLY A 57 -9.65 -8.01 11.29
C GLY A 57 -8.57 -7.79 10.25
N ILE A 58 -7.34 -8.21 10.57
CA ILE A 58 -6.23 -8.02 9.65
C ILE A 58 -5.52 -9.32 9.27
N SER A 59 -4.77 -9.24 8.17
CA SER A 59 -4.03 -10.38 7.63
C SER A 59 -2.89 -9.82 6.80
N GLY A 60 -1.98 -10.70 6.37
CA GLY A 60 -0.86 -10.25 5.57
C GLY A 60 0.24 -9.63 6.40
N GLY A 61 1.08 -8.78 5.79
CA GLY A 61 2.16 -8.17 6.53
C GLY A 61 2.96 -9.22 7.29
N PRO A 62 3.24 -8.99 8.58
CA PRO A 62 4.00 -9.97 9.36
C PRO A 62 3.20 -11.07 10.04
N LEU A 63 1.89 -11.16 9.75
CA LEU A 63 1.02 -12.14 10.41
C LEU A 63 0.92 -13.53 9.80
N GLY A 64 0.88 -14.54 10.65
CA GLY A 64 0.80 -15.90 10.14
C GLY A 64 -0.57 -16.28 9.63
N ASN A 65 -1.55 -15.47 10.00
CA ASN A 65 -2.93 -15.70 9.63
C ASN A 65 -3.71 -14.47 10.01
N HIS A 66 -5.03 -14.59 9.95
CA HIS A 66 -5.95 -13.51 10.25
C HIS A 66 -6.13 -13.32 11.74
N TYR A 67 -6.06 -12.04 12.16
CA TYR A 67 -6.25 -11.63 13.54
C TYR A 67 -7.52 -10.79 13.61
N ARG A 68 -8.43 -11.14 14.52
CA ARG A 68 -9.70 -10.45 14.68
C ARG A 68 -9.72 -9.14 15.47
N LEU A 69 -10.35 -8.09 14.93
CA LEU A 69 -10.44 -6.80 15.63
C LEU A 69 -11.24 -7.00 16.92
N LYS A 70 -10.73 -6.43 18.00
CA LYS A 70 -11.39 -6.54 19.29
C LYS A 70 -11.72 -5.16 19.80
N GLN A 71 -10.75 -4.27 19.78
CA GLN A 71 -10.96 -2.93 20.30
C GLN A 71 -9.88 -2.02 19.78
N PHE A 72 -9.99 -0.74 20.13
CA PHE A 72 -8.99 0.23 19.77
C PHE A 72 -9.10 1.39 20.74
N HIS A 73 -7.97 1.97 21.12
CA HIS A 73 -7.91 3.05 22.09
C HIS A 73 -6.88 4.08 21.68
N PHE A 74 -6.67 5.08 22.53
CA PHE A 74 -5.73 6.17 22.28
C PHE A 74 -4.91 6.44 23.53
N HIS A 75 -3.79 7.14 23.33
CA HIS A 75 -2.84 7.53 24.37
C HIS A 75 -2.51 8.98 24.08
N TRP A 76 -2.50 9.83 25.10
CA TRP A 76 -2.19 11.25 24.89
C TRP A 76 -1.48 11.83 26.12
N GLY A 77 -0.95 13.05 25.98
CA GLY A 77 -0.27 13.69 27.08
C GLY A 77 -0.93 14.98 27.50
N ALA A 78 -0.42 15.60 28.55
CA ALA A 78 -0.98 16.84 29.08
C ALA A 78 -0.86 18.05 28.16
N THR A 79 -0.05 17.95 27.11
CA THR A 79 0.10 19.07 26.16
C THR A 79 0.26 18.53 24.75
N ASP A 80 0.30 19.43 23.77
CA ASP A 80 0.44 19.01 22.38
C ASP A 80 1.88 18.59 22.04
N GLU A 81 2.79 18.76 22.98
CA GLU A 81 4.18 18.43 22.75
C GLU A 81 4.53 16.97 22.94
N TRP A 82 3.67 16.21 23.59
CA TRP A 82 3.97 14.82 23.84
C TRP A 82 2.69 14.02 24.09
N GLY A 83 2.80 12.70 24.19
CA GLY A 83 1.64 11.89 24.44
C GLY A 83 1.69 10.54 23.77
N SER A 84 2.38 10.44 22.64
CA SER A 84 2.51 9.17 21.93
C SER A 84 3.36 8.23 22.76
N GLU A 85 3.12 6.92 22.63
CA GLU A 85 3.91 5.95 23.35
C GLU A 85 5.24 5.76 22.63
N HIS A 86 5.14 5.48 21.32
CA HIS A 86 6.28 5.28 20.43
C HIS A 86 6.80 6.62 19.97
N ALA A 87 8.11 6.68 19.72
CA ALA A 87 8.75 7.90 19.23
C ALA A 87 9.38 7.51 17.90
N VAL A 88 9.69 8.48 17.06
CA VAL A 88 10.29 8.16 15.80
C VAL A 88 11.54 8.98 15.74
N ASP A 89 12.66 8.29 15.90
CA ASP A 89 13.97 8.91 15.90
C ASP A 89 13.90 9.99 16.96
N GLY A 90 13.34 9.61 18.10
CA GLY A 90 13.26 10.55 19.20
C GLY A 90 12.07 11.48 19.30
N HIS A 91 11.39 11.76 18.17
CA HIS A 91 10.24 12.63 18.20
C HIS A 91 8.97 11.93 18.68
N THR A 92 8.23 12.57 19.58
CA THR A 92 6.98 12.01 20.05
C THR A 92 5.86 12.90 19.57
N TYR A 93 4.75 12.27 19.21
CA TYR A 93 3.58 12.97 18.73
C TYR A 93 2.61 13.21 19.87
N PRO A 94 1.61 14.09 19.66
CA PRO A 94 0.57 14.45 20.64
C PRO A 94 -0.21 13.25 21.17
N ALA A 95 -0.39 12.22 20.34
CA ALA A 95 -1.16 11.03 20.75
C ALA A 95 -0.93 9.85 19.83
N GLU A 96 -1.45 8.70 20.21
CA GLU A 96 -1.29 7.49 19.43
C GLU A 96 -2.51 6.58 19.51
N LEU A 97 -2.94 6.05 18.37
CA LEU A 97 -4.10 5.17 18.31
C LEU A 97 -3.65 3.74 18.19
N HIS A 98 -4.25 2.85 18.97
CA HIS A 98 -3.92 1.44 18.92
C HIS A 98 -5.11 0.58 18.55
N LEU A 99 -4.97 -0.24 17.51
CA LEU A 99 -6.02 -1.15 17.08
C LEU A 99 -5.59 -2.55 17.48
N VAL A 100 -6.28 -3.14 18.44
CA VAL A 100 -5.95 -4.45 18.96
C VAL A 100 -6.72 -5.62 18.32
N HIS A 101 -5.94 -6.55 17.74
CA HIS A 101 -6.49 -7.71 17.07
C HIS A 101 -5.96 -8.92 17.79
N TRP A 102 -6.69 -10.03 17.76
CA TRP A 102 -6.23 -11.23 18.43
C TRP A 102 -6.22 -12.46 17.52
N ASN A 103 -5.29 -13.37 17.83
CA ASN A 103 -5.08 -14.60 17.09
C ASN A 103 -6.15 -15.63 17.27
N SER A 104 -7.14 -15.58 16.39
CA SER A 104 -8.28 -16.48 16.42
C SER A 104 -7.91 -17.93 16.13
N THR A 105 -6.78 -18.10 15.45
CA THR A 105 -6.30 -19.43 15.05
C THR A 105 -5.59 -20.18 16.17
N LYS A 106 -4.70 -19.47 16.86
CA LYS A 106 -3.90 -20.03 17.94
C LYS A 106 -4.54 -19.94 19.33
N TYR A 107 -5.55 -19.10 19.51
CA TYR A 107 -6.19 -18.97 20.82
C TYR A 107 -7.71 -19.07 20.76
N GLU A 108 -8.31 -19.57 21.84
CA GLU A 108 -9.76 -19.73 21.90
C GLU A 108 -10.51 -18.40 22.09
N ASN A 109 -9.84 -17.44 22.71
CA ASN A 109 -10.47 -16.14 22.94
C ASN A 109 -9.46 -15.06 23.24
N TYR A 110 -9.93 -13.82 23.17
CA TYR A 110 -9.12 -12.63 23.41
C TYR A 110 -8.44 -12.55 24.77
N LYS A 111 -9.12 -12.99 25.81
CA LYS A 111 -8.52 -12.96 27.13
C LYS A 111 -7.26 -13.80 27.07
N LYS A 112 -7.41 -15.02 26.56
CA LYS A 112 -6.28 -15.93 26.45
C LYS A 112 -5.27 -15.50 25.40
N ALA A 113 -5.73 -14.83 24.35
CA ALA A 113 -4.81 -14.37 23.33
C ALA A 113 -3.91 -13.28 23.87
N SER A 114 -4.48 -12.30 24.56
CA SER A 114 -3.72 -11.17 25.11
C SER A 114 -2.49 -11.44 25.97
N VAL A 115 -2.37 -12.64 26.52
CA VAL A 115 -1.20 -12.95 27.34
C VAL A 115 -0.35 -14.09 26.77
N GLY A 116 -0.77 -14.65 25.64
CA GLY A 116 -0.04 -15.77 25.04
C GLY A 116 1.00 -15.43 23.99
N GLU A 117 1.82 -16.42 23.64
CA GLU A 117 2.90 -16.31 22.66
C GLU A 117 2.64 -15.32 21.54
N ASN A 118 1.70 -15.62 20.66
CA ASN A 118 1.43 -14.70 19.58
C ASN A 118 -0.04 -14.39 19.65
N GLY A 119 -0.44 -13.83 20.77
CA GLY A 119 -1.83 -13.53 20.97
C GLY A 119 -2.40 -12.33 20.24
N LEU A 120 -1.65 -11.24 20.15
CA LEU A 120 -2.16 -10.03 19.52
C LEU A 120 -1.27 -9.38 18.48
N ALA A 121 -1.90 -8.56 17.65
CA ALA A 121 -1.23 -7.77 16.63
C ALA A 121 -1.87 -6.38 16.84
N VAL A 122 -1.04 -5.38 17.11
CA VAL A 122 -1.52 -4.04 17.34
C VAL A 122 -0.95 -3.06 16.32
N ILE A 123 -1.83 -2.36 15.61
CA ILE A 123 -1.42 -1.35 14.63
C ILE A 123 -1.35 -0.07 15.42
N GLY A 124 -0.34 0.76 15.17
CA GLY A 124 -0.20 2.00 15.88
C GLY A 124 -0.18 3.12 14.86
N VAL A 125 -0.98 4.15 15.09
CA VAL A 125 -1.07 5.29 14.19
C VAL A 125 -0.77 6.53 15.03
N PHE A 126 0.18 7.34 14.60
CA PHE A 126 0.51 8.54 15.33
C PHE A 126 -0.45 9.61 14.86
N LEU A 127 -0.97 10.40 15.80
CA LEU A 127 -1.90 11.50 15.48
C LEU A 127 -1.10 12.80 15.54
N LYS A 128 -1.32 13.69 14.60
CA LYS A 128 -0.57 14.93 14.62
C LYS A 128 -1.51 16.09 14.38
N LEU A 129 -1.19 17.23 14.95
CA LEU A 129 -2.01 18.40 14.82
C LEU A 129 -2.04 18.88 13.39
N GLY A 130 -3.24 19.05 12.87
CA GLY A 130 -3.42 19.50 11.53
C GLY A 130 -4.89 19.78 11.30
N ALA A 131 -5.39 19.28 10.18
CA ALA A 131 -6.78 19.45 9.79
C ALA A 131 -7.75 18.66 10.64
N HIS A 132 -8.97 19.15 10.70
CA HIS A 132 -10.03 18.50 11.44
C HIS A 132 -10.22 17.11 10.83
N HIS A 133 -10.35 16.09 11.67
CA HIS A 133 -10.56 14.76 11.14
C HIS A 133 -12.05 14.39 11.29
N GLN A 134 -12.73 14.22 10.15
CA GLN A 134 -14.16 13.90 10.11
C GLN A 134 -14.61 12.64 10.83
N ALA A 135 -13.95 11.50 10.57
CA ALA A 135 -14.31 10.25 11.24
C ALA A 135 -14.01 10.24 12.74
N LEU A 136 -13.02 11.02 13.16
CA LEU A 136 -12.66 11.10 14.58
C LEU A 136 -13.75 11.88 15.35
N GLN A 137 -14.35 12.87 14.68
CA GLN A 137 -15.41 13.65 15.31
C GLN A 137 -16.51 12.78 15.89
N LYS A 138 -16.86 11.70 15.20
CA LYS A 138 -17.89 10.79 15.68
C LYS A 138 -17.57 10.29 17.08
N LEU A 139 -16.29 10.18 17.41
CA LEU A 139 -15.89 9.69 18.71
C LEU A 139 -15.86 10.85 19.69
N VAL A 140 -15.28 11.96 19.25
CA VAL A 140 -15.19 13.17 20.07
C VAL A 140 -16.55 13.59 20.65
N ASP A 141 -17.60 13.48 19.84
CA ASP A 141 -18.94 13.87 20.26
C ASP A 141 -19.55 13.11 21.44
N VAL A 142 -19.17 11.85 21.65
CA VAL A 142 -19.72 11.09 22.78
C VAL A 142 -18.80 11.04 23.99
N LEU A 143 -17.70 11.78 23.96
CA LEU A 143 -16.75 11.79 25.08
C LEU A 143 -17.36 12.32 26.38
N PRO A 144 -18.21 13.36 26.31
CA PRO A 144 -18.84 13.92 27.51
C PRO A 144 -19.63 12.89 28.32
N GLU A 145 -20.04 11.81 27.64
CA GLU A 145 -20.80 10.72 28.24
C GLU A 145 -19.93 9.71 28.99
N VAL A 146 -18.62 9.78 28.79
CA VAL A 146 -17.71 8.82 29.42
C VAL A 146 -16.56 9.49 30.21
N ARG A 147 -16.79 10.72 30.67
CA ARG A 147 -15.76 11.42 31.42
C ARG A 147 -15.37 10.77 32.74
N HIS A 148 -16.22 9.92 33.31
CA HIS A 148 -15.91 9.26 34.56
C HIS A 148 -15.48 7.84 34.30
N LYS A 149 -14.57 7.37 35.14
CA LYS A 149 -14.04 6.03 35.08
C LYS A 149 -15.17 4.98 35.06
N ASP A 150 -15.01 3.96 34.23
CA ASP A 150 -16.00 2.86 34.08
C ASP A 150 -17.31 3.18 33.40
N THR A 151 -17.49 4.41 32.95
CA THR A 151 -18.69 4.81 32.26
C THR A 151 -18.63 4.28 30.81
N GLN A 152 -19.78 3.96 30.24
CA GLN A 152 -19.85 3.45 28.88
C GLN A 152 -21.03 4.09 28.14
N VAL A 153 -20.93 4.17 26.81
CA VAL A 153 -21.96 4.73 25.94
C VAL A 153 -22.07 3.83 24.69
N ALA A 154 -23.29 3.48 24.28
CA ALA A 154 -23.47 2.63 23.09
C ALA A 154 -22.93 3.32 21.84
N MET A 155 -22.48 2.52 20.89
CA MET A 155 -21.94 3.00 19.64
C MET A 155 -22.68 2.44 18.44
N GLY A 156 -22.68 3.23 17.38
CA GLY A 156 -23.29 2.81 16.14
C GLY A 156 -22.19 2.20 15.30
N PRO A 157 -22.44 1.83 14.03
CA PRO A 157 -21.40 1.24 13.19
C PRO A 157 -20.27 2.23 13.03
N PHE A 158 -19.03 1.75 13.13
CA PHE A 158 -17.86 2.61 12.96
C PHE A 158 -16.74 1.75 12.40
N ASP A 159 -16.12 2.23 11.31
CA ASP A 159 -15.01 1.54 10.65
C ASP A 159 -13.68 2.22 11.01
N PRO A 160 -12.83 1.54 11.81
CA PRO A 160 -11.53 2.03 12.28
C PRO A 160 -10.59 2.40 11.14
N SER A 161 -10.75 1.77 9.99
CA SER A 161 -9.93 2.07 8.83
C SER A 161 -9.99 3.54 8.51
N CYS A 162 -11.08 4.20 8.90
CA CYS A 162 -11.21 5.63 8.61
C CYS A 162 -10.24 6.44 9.45
N LEU A 163 -9.60 5.77 10.40
CA LEU A 163 -8.65 6.43 11.29
C LEU A 163 -7.19 6.24 10.84
N MET A 164 -6.98 5.35 9.88
CA MET A 164 -5.65 5.06 9.35
C MET A 164 -5.22 6.00 8.22
N PRO A 165 -3.90 6.20 8.06
CA PRO A 165 -3.41 7.08 7.00
C PRO A 165 -3.54 6.37 5.65
N ALA A 166 -3.54 7.15 4.57
CA ALA A 166 -3.66 6.56 3.24
C ALA A 166 -2.47 5.65 2.92
N CYS A 167 -1.26 6.17 3.14
CA CYS A 167 -0.05 5.40 2.92
C CYS A 167 0.04 4.38 4.04
N ARG A 168 0.24 3.11 3.71
CA ARG A 168 0.30 2.07 4.72
C ARG A 168 1.69 1.48 5.05
N ASP A 169 2.75 2.23 4.75
CA ASP A 169 4.15 1.83 5.04
C ASP A 169 4.30 1.72 6.56
N TYR A 170 4.95 0.67 7.05
CA TYR A 170 5.10 0.50 8.49
C TYR A 170 6.41 -0.14 8.92
N TRP A 171 6.56 -0.26 10.25
CA TRP A 171 7.67 -0.91 10.89
C TRP A 171 6.98 -1.99 11.69
N THR A 172 7.64 -3.11 11.93
CA THR A 172 7.04 -4.16 12.73
C THR A 172 8.12 -4.70 13.66
N TYR A 173 7.72 -5.24 14.81
CA TYR A 173 8.68 -5.77 15.76
C TYR A 173 7.90 -6.43 16.89
N PRO A 174 8.54 -7.35 17.62
CA PRO A 174 7.90 -8.05 18.74
C PRO A 174 7.91 -7.18 20.00
N GLY A 175 6.79 -7.10 20.70
CA GLY A 175 6.75 -6.28 21.89
C GLY A 175 5.84 -6.85 22.96
N SER A 176 5.34 -5.96 23.80
CA SER A 176 4.47 -6.32 24.91
C SER A 176 3.28 -5.36 24.99
N LEU A 177 2.42 -5.62 25.97
CA LEU A 177 1.27 -4.76 26.24
C LEU A 177 1.93 -3.56 26.91
N THR A 178 1.40 -2.36 26.70
CA THR A 178 1.98 -1.20 27.37
C THR A 178 1.24 -0.86 28.68
N THR A 179 0.41 -1.79 29.14
CA THR A 179 -0.30 -1.64 30.41
C THR A 179 -0.20 -3.05 31.01
N PRO A 180 -0.38 -3.19 32.33
CA PRO A 180 -0.30 -4.50 32.99
C PRO A 180 -1.20 -5.51 32.32
N PRO A 181 -0.77 -6.79 32.27
CA PRO A 181 0.48 -7.37 32.77
C PRO A 181 1.75 -7.11 31.97
N LEU A 182 1.69 -6.31 30.91
CA LEU A 182 2.88 -6.04 30.12
C LEU A 182 3.45 -7.32 29.52
N ALA A 183 2.55 -8.25 29.19
CA ALA A 183 2.91 -9.52 28.59
C ALA A 183 3.53 -9.25 27.21
N GLU A 184 4.47 -10.10 26.80
CA GLU A 184 5.16 -9.91 25.53
C GLU A 184 4.50 -10.76 24.45
N SER A 185 3.22 -10.47 24.22
CA SER A 185 2.36 -11.19 23.27
C SER A 185 2.03 -10.44 22.00
N VAL A 186 2.60 -9.25 21.84
CA VAL A 186 2.28 -8.40 20.72
C VAL A 186 3.23 -8.31 19.55
N THR A 187 2.65 -8.34 18.35
CA THR A 187 3.40 -8.15 17.11
C THR A 187 3.01 -6.71 16.83
N TRP A 188 3.98 -5.82 16.82
CA TRP A 188 3.71 -4.42 16.61
C TRP A 188 3.79 -3.95 15.19
N ILE A 189 2.77 -3.24 14.74
CA ILE A 189 2.73 -2.70 13.40
C ILE A 189 2.50 -1.22 13.59
N VAL A 190 3.51 -0.41 13.35
CA VAL A 190 3.41 1.02 13.54
C VAL A 190 3.48 1.69 12.17
N GLN A 191 2.51 2.57 11.89
CA GLN A 191 2.46 3.26 10.61
C GLN A 191 3.37 4.46 10.58
N LYS A 192 4.12 4.56 9.48
CA LYS A 192 5.06 5.64 9.27
C LYS A 192 4.35 6.99 9.14
N THR A 193 3.23 7.00 8.44
CA THR A 193 2.49 8.23 8.23
C THR A 193 1.48 8.57 9.32
N PRO A 194 1.64 9.74 9.98
CA PRO A 194 0.73 10.18 11.03
C PRO A 194 -0.57 10.70 10.41
N VAL A 195 -1.65 10.66 11.18
CA VAL A 195 -2.98 11.12 10.75
C VAL A 195 -3.21 12.50 11.40
N GLU A 196 -3.65 13.49 10.63
CA GLU A 196 -3.90 14.82 11.20
C GLU A 196 -5.27 14.94 11.85
N VAL A 197 -5.29 15.65 12.95
CA VAL A 197 -6.50 15.92 13.72
C VAL A 197 -6.33 17.35 14.20
N SER A 198 -7.42 18.05 14.49
CA SER A 198 -7.29 19.42 14.96
C SER A 198 -7.12 19.46 16.46
N PRO A 199 -6.61 20.59 16.98
CA PRO A 199 -6.38 20.80 18.42
C PRO A 199 -7.64 20.58 19.26
N SER A 200 -8.75 21.19 18.83
CA SER A 200 -10.03 21.09 19.53
C SER A 200 -10.49 19.67 19.76
N GLN A 201 -10.18 18.77 18.83
CA GLN A 201 -10.54 17.36 18.95
C GLN A 201 -9.66 16.70 19.99
N LEU A 202 -8.36 17.04 19.97
CA LEU A 202 -7.37 16.50 20.91
C LEU A 202 -7.62 16.98 22.34
N SER A 203 -8.08 18.21 22.46
CA SER A 203 -8.42 18.81 23.74
C SER A 203 -9.48 18.01 24.48
N MET A 204 -10.48 17.54 23.75
CA MET A 204 -11.57 16.75 24.32
C MET A 204 -11.10 15.49 25.01
N PHE A 205 -10.02 14.90 24.51
CA PHE A 205 -9.47 13.69 25.10
C PHE A 205 -9.09 14.02 26.54
N ARG A 206 -8.58 15.23 26.74
CA ARG A 206 -8.11 15.69 28.04
C ARG A 206 -9.16 16.10 29.08
N THR A 207 -10.42 15.91 28.75
CA THR A 207 -11.48 16.26 29.69
C THR A 207 -11.92 15.02 30.41
N LEU A 208 -11.34 13.88 30.04
CA LEU A 208 -11.69 12.63 30.67
C LEU A 208 -11.01 12.59 32.03
N LEU A 209 -11.42 11.64 32.87
CA LEU A 209 -10.88 11.53 34.22
C LEU A 209 -10.48 10.11 34.55
N PHE A 210 -9.45 9.99 35.39
CA PHE A 210 -8.96 8.72 35.90
C PHE A 210 -9.89 8.31 37.04
N SER A 211 -10.50 9.32 37.69
CA SER A 211 -11.41 9.14 38.82
C SER A 211 -12.85 8.81 38.45
N GLY A 212 -13.52 8.09 39.33
CA GLY A 212 -14.90 7.73 39.11
C GLY A 212 -15.84 8.80 39.62
N ARG A 213 -17.14 8.49 39.67
CA ARG A 213 -18.14 9.44 40.14
C ARG A 213 -17.98 9.53 41.65
N GLY A 214 -18.11 10.74 42.19
CA GLY A 214 -17.96 10.91 43.62
C GLY A 214 -16.53 11.19 44.07
N GLU A 215 -15.56 10.48 43.49
CA GLU A 215 -14.16 10.68 43.83
C GLU A 215 -13.71 12.07 43.39
N GLU A 216 -12.59 12.52 43.95
CA GLU A 216 -12.03 13.84 43.62
C GLU A 216 -11.49 13.81 42.18
N GLU A 217 -11.89 14.79 41.38
CA GLU A 217 -11.50 14.90 39.96
C GLU A 217 -10.02 14.80 39.64
N ASP A 218 -9.65 13.69 39.00
CA ASP A 218 -8.28 13.41 38.60
C ASP A 218 -8.26 13.29 37.07
N VAL A 219 -7.85 14.36 36.41
CA VAL A 219 -7.80 14.43 34.95
C VAL A 219 -6.99 13.34 34.22
N MET A 220 -7.53 12.85 33.12
CA MET A 220 -6.88 11.80 32.31
C MET A 220 -5.93 12.39 31.26
N VAL A 221 -4.65 12.43 31.61
CA VAL A 221 -3.63 12.93 30.73
C VAL A 221 -2.35 12.15 31.05
N ASN A 222 -1.44 12.05 30.08
CA ASN A 222 -0.15 11.35 30.26
C ASN A 222 -0.32 9.85 30.50
N ASN A 223 -1.27 9.24 29.79
CA ASN A 223 -1.50 7.80 29.93
C ASN A 223 -0.70 6.95 28.91
N TYR A 224 0.58 7.30 28.76
CA TYR A 224 1.49 6.57 27.87
C TYR A 224 2.58 6.00 28.76
N ARG A 225 3.22 4.93 28.30
CA ARG A 225 4.31 4.29 29.03
C ARG A 225 5.62 4.84 28.49
N PRO A 226 6.61 4.97 29.36
CA PRO A 226 7.89 5.50 28.87
C PRO A 226 8.60 4.50 27.96
N LEU A 227 9.46 5.05 27.10
CA LEU A 227 10.23 4.30 26.11
C LEU A 227 11.08 3.18 26.69
N GLN A 228 11.07 2.03 26.02
CA GLN A 228 11.83 0.86 26.44
C GLN A 228 12.99 0.59 25.48
N PRO A 229 14.03 -0.10 25.96
CA PRO A 229 15.16 -0.38 25.08
C PRO A 229 14.83 -1.45 24.03
N LEU A 230 15.29 -1.22 22.82
CA LEU A 230 15.09 -2.14 21.71
C LEU A 230 15.74 -3.50 21.93
N ARG A 231 16.88 -3.50 22.62
CA ARG A 231 17.66 -4.73 22.86
C ARG A 231 18.17 -5.19 21.48
N ASP A 232 18.11 -6.48 21.21
CA ASP A 232 18.59 -6.95 19.91
C ASP A 232 17.42 -7.50 19.12
N ARG A 233 16.33 -6.75 19.15
CA ARG A 233 15.13 -7.13 18.43
C ARG A 233 15.26 -6.59 17.02
N LYS A 234 14.63 -7.28 16.07
CA LYS A 234 14.67 -6.86 14.67
C LYS A 234 13.52 -5.96 14.25
N LEU A 235 13.83 -4.69 14.12
CA LEU A 235 12.86 -3.70 13.69
C LEU A 235 12.91 -3.68 12.17
N ARG A 236 11.95 -4.36 11.54
CA ARG A 236 11.89 -4.39 10.07
C ARG A 236 10.83 -3.46 9.52
N SER A 237 11.11 -2.88 8.35
CA SER A 237 10.17 -1.98 7.71
C SER A 237 9.67 -2.61 6.41
N SER A 238 8.47 -2.20 6.00
CA SER A 238 7.85 -2.72 4.79
C SER A 238 8.21 -1.85 3.60
N PHE A 239 8.90 -0.75 3.87
CA PHE A 239 9.30 0.19 2.83
C PHE A 239 10.82 0.31 2.81
N ARG A 240 11.34 0.93 1.76
CA ARG A 240 12.77 1.13 1.62
C ARG A 240 13.13 2.60 1.45
N GLY B 4 -2.42 13.95 -6.22
CA GLY B 4 -3.44 14.44 -7.21
C GLY B 4 -4.73 13.65 -7.08
N THR B 5 -5.63 13.83 -8.05
CA THR B 5 -6.93 13.13 -8.04
C THR B 5 -7.06 12.01 -9.13
N ARG B 6 -6.12 11.99 -10.07
CA ARG B 6 -6.10 10.99 -11.14
C ARG B 6 -4.78 10.24 -11.09
N GLN B 7 -4.56 9.51 -10.01
CA GLN B 7 -3.33 8.76 -9.83
C GLN B 7 -3.51 7.29 -10.05
N SER B 8 -2.45 6.63 -10.50
CA SER B 8 -2.48 5.21 -10.76
C SER B 8 -1.39 4.59 -9.90
N PRO B 9 -1.43 3.26 -9.71
CA PRO B 9 -2.39 2.29 -10.22
C PRO B 9 -3.68 2.31 -9.40
N ILE B 10 -4.68 1.52 -9.80
CA ILE B 10 -5.93 1.47 -9.07
C ILE B 10 -6.36 0.03 -9.04
N ASN B 11 -7.41 -0.26 -8.26
CA ASN B 11 -7.95 -1.60 -8.14
C ASN B 11 -9.11 -1.57 -9.13
N ILE B 12 -9.08 -2.44 -10.12
CA ILE B 12 -10.12 -2.48 -11.13
C ILE B 12 -11.24 -3.37 -10.66
N GLN B 13 -12.33 -2.76 -10.23
CA GLN B 13 -13.50 -3.50 -9.75
C GLN B 13 -14.61 -3.47 -10.76
N TRP B 14 -15.26 -4.61 -10.93
CA TRP B 14 -16.35 -4.75 -11.90
C TRP B 14 -17.52 -3.80 -11.65
N LYS B 15 -17.83 -3.57 -10.37
CA LYS B 15 -18.90 -2.68 -9.98
C LYS B 15 -18.71 -1.24 -10.45
N ASP B 16 -17.46 -0.86 -10.74
CA ASP B 16 -17.15 0.49 -11.16
C ASP B 16 -17.04 0.63 -12.66
N SER B 17 -17.07 -0.49 -13.36
CA SER B 17 -16.93 -0.49 -14.81
C SER B 17 -18.24 -0.23 -15.56
N VAL B 18 -18.16 0.59 -16.61
CA VAL B 18 -19.31 0.85 -17.47
C VAL B 18 -18.88 0.62 -18.91
N TYR B 19 -19.47 -0.38 -19.54
CA TYR B 19 -19.16 -0.70 -20.91
C TYR B 19 -19.44 0.49 -21.82
N ASP B 20 -18.48 0.88 -22.64
CA ASP B 20 -18.73 1.97 -23.57
C ASP B 20 -18.65 1.34 -24.96
N PRO B 21 -19.81 1.13 -25.60
CA PRO B 21 -19.90 0.53 -26.94
C PRO B 21 -19.44 1.46 -28.04
N GLN B 22 -19.07 2.67 -27.66
CA GLN B 22 -18.63 3.67 -28.60
C GLN B 22 -17.15 3.58 -28.89
N LEU B 23 -16.41 2.86 -28.04
CA LEU B 23 -14.98 2.71 -28.24
C LEU B 23 -14.63 2.03 -29.57
N ALA B 24 -13.89 2.74 -30.42
CA ALA B 24 -13.46 2.19 -31.70
C ALA B 24 -12.50 1.02 -31.49
N PRO B 25 -12.32 0.18 -32.51
CA PRO B 25 -11.40 -0.96 -32.33
C PRO B 25 -9.99 -0.42 -32.03
N LEU B 26 -9.20 -1.19 -31.29
CA LEU B 26 -7.84 -0.77 -30.95
C LEU B 26 -6.80 -1.36 -31.94
N ARG B 27 -6.23 -0.50 -32.79
CA ARG B 27 -5.23 -0.92 -33.77
C ARG B 27 -3.81 -0.92 -33.20
N VAL B 28 -3.21 -2.10 -33.14
CA VAL B 28 -1.86 -2.23 -32.64
C VAL B 28 -0.97 -2.80 -33.72
N SER B 29 0.02 -2.04 -34.12
CA SER B 29 0.97 -2.48 -35.15
C SER B 29 2.32 -1.87 -34.85
N TYR B 30 3.25 -2.71 -34.41
CA TYR B 30 4.59 -2.24 -34.09
C TYR B 30 5.63 -2.62 -35.14
N ASP B 31 6.61 -1.74 -35.31
CA ASP B 31 7.72 -1.98 -36.24
C ASP B 31 8.82 -2.63 -35.40
N ALA B 32 9.00 -3.94 -35.54
CA ALA B 32 10.01 -4.69 -34.79
C ALA B 32 11.43 -4.19 -35.01
N ALA B 33 11.71 -3.74 -36.23
CA ALA B 33 13.04 -3.25 -36.58
C ALA B 33 13.45 -2.00 -35.81
N SER B 34 12.49 -1.33 -35.17
CA SER B 34 12.80 -0.12 -34.42
C SER B 34 13.31 -0.42 -33.02
N CYS B 35 13.51 -1.68 -32.68
CA CYS B 35 14.04 -2.02 -31.36
C CYS B 35 15.52 -1.60 -31.33
N ARG B 36 15.98 -1.18 -30.15
CA ARG B 36 17.35 -0.73 -29.98
C ARG B 36 18.14 -1.41 -28.86
N TYR B 37 17.77 -1.16 -27.60
CA TYR B 37 18.49 -1.75 -26.47
C TYR B 37 17.58 -1.95 -25.28
N LEU B 38 18.05 -2.79 -24.36
CA LEU B 38 17.36 -3.11 -23.11
C LEU B 38 18.29 -2.54 -22.05
N TRP B 39 17.76 -1.91 -21.01
CA TRP B 39 18.60 -1.37 -19.96
C TRP B 39 17.99 -1.46 -18.56
N ASN B 40 18.84 -1.35 -17.55
CA ASN B 40 18.39 -1.38 -16.16
C ASN B 40 18.33 0.09 -15.76
N THR B 41 17.14 0.58 -15.48
CA THR B 41 16.97 1.98 -15.14
C THR B 41 17.32 2.33 -13.70
N GLY B 42 17.37 1.32 -12.85
CA GLY B 42 17.64 1.56 -11.45
C GLY B 42 16.37 1.23 -10.70
N TYR B 43 15.25 1.20 -11.43
CA TYR B 43 13.92 0.89 -10.88
C TYR B 43 13.35 -0.39 -11.45
N PHE B 44 13.50 -0.57 -12.76
CA PHE B 44 13.08 -1.77 -13.47
C PHE B 44 13.91 -1.83 -14.75
N PHE B 45 13.67 -2.84 -15.58
CA PHE B 45 14.38 -2.88 -16.83
C PHE B 45 13.38 -2.47 -17.90
N GLN B 46 13.88 -1.81 -18.94
CA GLN B 46 13.07 -1.26 -19.99
C GLN B 46 13.67 -1.51 -21.38
N VAL B 47 12.83 -1.75 -22.37
CA VAL B 47 13.28 -1.97 -23.73
C VAL B 47 12.95 -0.69 -24.48
N GLU B 48 13.96 -0.09 -25.08
CA GLU B 48 13.84 1.18 -25.81
C GLU B 48 13.67 1.00 -27.34
N PHE B 49 12.87 1.87 -27.95
CA PHE B 49 12.63 1.84 -29.40
C PHE B 49 12.97 3.19 -30.03
N ASP B 50 13.11 3.18 -31.35
CA ASP B 50 13.40 4.38 -32.12
C ASP B 50 12.02 4.89 -32.53
N ASP B 51 11.59 6.01 -31.95
CA ASP B 51 10.26 6.55 -32.27
C ASP B 51 10.13 7.43 -33.53
N SER B 52 11.13 7.39 -34.40
CA SER B 52 11.10 8.17 -35.65
C SER B 52 10.10 7.51 -36.60
N CYS B 53 9.64 6.34 -36.19
CA CYS B 53 8.69 5.57 -36.97
C CYS B 53 7.25 5.90 -36.55
N GLU B 54 6.58 6.75 -37.32
CA GLU B 54 5.18 7.11 -37.03
C GLU B 54 4.30 5.95 -37.52
N ASP B 55 4.95 4.97 -38.11
CA ASP B 55 4.31 3.77 -38.62
C ASP B 55 4.21 2.77 -37.47
N SER B 56 5.01 3.00 -36.42
CA SER B 56 5.04 2.11 -35.28
C SER B 56 4.30 2.77 -34.12
N GLY B 57 3.25 2.11 -33.66
CA GLY B 57 2.50 2.68 -32.58
C GLY B 57 1.16 2.04 -32.32
N ILE B 58 0.27 2.85 -31.75
CA ILE B 58 -1.03 2.37 -31.36
C ILE B 58 -2.11 3.39 -31.71
N SER B 59 -3.33 2.89 -31.91
CA SER B 59 -4.47 3.76 -32.20
C SER B 59 -5.79 3.05 -31.99
N GLY B 60 -6.86 3.82 -32.09
CA GLY B 60 -8.18 3.24 -31.90
C GLY B 60 -8.55 3.30 -30.44
N GLY B 61 -9.43 2.39 -30.01
CA GLY B 61 -9.87 2.38 -28.63
C GLY B 61 -10.26 3.77 -28.14
N PRO B 62 -9.65 4.24 -27.04
CA PRO B 62 -9.98 5.56 -26.50
C PRO B 62 -9.06 6.67 -26.96
N LEU B 63 -8.29 6.47 -28.04
CA LEU B 63 -7.36 7.49 -28.50
C LEU B 63 -7.83 8.31 -29.67
N GLY B 64 -7.65 9.62 -29.54
CA GLY B 64 -8.07 10.55 -30.57
C GLY B 64 -7.29 10.43 -31.85
N ASN B 65 -6.05 9.93 -31.75
CA ASN B 65 -5.18 9.76 -32.90
C ASN B 65 -4.16 8.68 -32.60
N HIS B 66 -3.09 8.65 -33.39
CA HIS B 66 -2.03 7.65 -33.26
C HIS B 66 -1.00 8.06 -32.23
N TYR B 67 -0.58 7.08 -31.43
CA TYR B 67 0.44 7.26 -30.40
C TYR B 67 1.61 6.35 -30.71
N ARG B 68 2.82 6.89 -30.74
CA ARG B 68 4.04 6.13 -31.04
C ARG B 68 4.62 5.28 -29.91
N LEU B 69 5.02 4.03 -30.21
CA LEU B 69 5.63 3.15 -29.20
C LEU B 69 7.00 3.72 -28.86
N LYS B 70 7.25 3.92 -27.58
CA LYS B 70 8.52 4.47 -27.16
C LYS B 70 9.35 3.45 -26.43
N GLN B 71 8.73 2.69 -25.54
CA GLN B 71 9.45 1.72 -24.75
C GLN B 71 8.45 0.86 -24.03
N PHE B 72 8.94 -0.17 -23.36
CA PHE B 72 8.10 -1.03 -22.56
C PHE B 72 8.93 -1.55 -21.39
N HIS B 73 8.28 -1.81 -20.25
CA HIS B 73 8.95 -2.26 -19.04
C HIS B 73 8.06 -3.17 -18.22
N PHE B 74 8.57 -3.62 -17.07
CA PHE B 74 7.87 -4.54 -16.20
C PHE B 74 8.01 -4.11 -14.75
N HIS B 75 7.11 -4.64 -13.90
CA HIS B 75 7.01 -4.39 -12.44
C HIS B 75 6.76 -5.77 -11.88
N TRP B 76 7.43 -6.13 -10.79
CA TRP B 76 7.26 -7.48 -10.20
C TRP B 76 7.46 -7.46 -8.70
N GLY B 77 7.08 -8.55 -8.04
CA GLY B 77 7.21 -8.63 -6.59
C GLY B 77 8.38 -9.49 -6.11
N ALA B 78 8.54 -9.58 -4.79
CA ALA B 78 9.60 -10.37 -4.21
C ALA B 78 9.19 -11.84 -4.19
N THR B 79 7.91 -12.12 -4.44
CA THR B 79 7.41 -13.50 -4.49
C THR B 79 6.39 -13.57 -5.62
N ASP B 80 5.94 -14.78 -5.93
CA ASP B 80 4.96 -14.98 -7.00
C ASP B 80 3.56 -14.52 -6.62
N GLU B 81 3.38 -14.14 -5.35
CA GLU B 81 2.06 -13.73 -4.85
C GLU B 81 1.66 -12.28 -5.08
N TRP B 82 2.60 -11.44 -5.49
CA TRP B 82 2.29 -10.06 -5.71
C TRP B 82 3.33 -9.47 -6.63
N GLY B 83 3.07 -8.28 -7.16
CA GLY B 83 4.01 -7.62 -8.05
C GLY B 83 3.40 -6.66 -9.03
N SER B 84 2.17 -6.92 -9.49
CA SER B 84 1.51 -6.01 -10.44
C SER B 84 1.18 -4.71 -9.76
N GLU B 85 1.01 -3.67 -10.55
CA GLU B 85 0.64 -2.40 -10.00
C GLU B 85 -0.90 -2.34 -9.87
N HIS B 86 -1.60 -2.80 -10.89
CA HIS B 86 -3.06 -2.83 -10.88
C HIS B 86 -3.52 -4.14 -10.27
N ALA B 87 -4.71 -4.12 -9.69
CA ALA B 87 -5.29 -5.32 -9.11
C ALA B 87 -6.66 -5.44 -9.78
N VAL B 88 -7.23 -6.64 -9.85
CA VAL B 88 -8.52 -6.76 -10.45
C VAL B 88 -9.39 -7.43 -9.41
N ASP B 89 -10.33 -6.64 -8.88
CA ASP B 89 -11.23 -7.07 -7.82
C ASP B 89 -10.35 -7.46 -6.67
N GLY B 90 -9.34 -6.65 -6.42
CA GLY B 90 -8.46 -6.96 -5.32
C GLY B 90 -7.42 -8.02 -5.63
N HIS B 91 -7.58 -8.79 -6.70
CA HIS B 91 -6.57 -9.79 -7.04
C HIS B 91 -5.34 -9.11 -7.64
N THR B 92 -4.16 -9.58 -7.27
CA THR B 92 -2.94 -8.99 -7.77
C THR B 92 -2.03 -10.07 -8.41
N TYR B 93 -1.45 -9.74 -9.56
CA TYR B 93 -0.61 -10.68 -10.30
C TYR B 93 0.87 -10.55 -9.94
N PRO B 94 1.67 -11.62 -10.16
CA PRO B 94 3.10 -11.57 -9.84
C PRO B 94 3.91 -10.52 -10.60
N ALA B 95 3.39 -10.04 -11.74
CA ALA B 95 4.09 -9.02 -12.52
C ALA B 95 3.16 -8.31 -13.52
N GLU B 96 3.62 -7.19 -14.05
CA GLU B 96 2.83 -6.45 -14.99
C GLU B 96 3.71 -5.79 -16.04
N LEU B 97 3.28 -5.84 -17.30
CA LEU B 97 4.03 -5.26 -18.40
C LEU B 97 3.37 -3.97 -18.83
N HIS B 98 4.16 -2.94 -19.11
CA HIS B 98 3.65 -1.65 -19.56
C HIS B 98 4.26 -1.26 -20.90
N LEU B 99 3.44 -1.04 -21.93
CA LEU B 99 3.94 -0.61 -23.23
C LEU B 99 3.63 0.89 -23.30
N VAL B 100 4.64 1.77 -23.31
CA VAL B 100 4.32 3.18 -23.38
C VAL B 100 4.48 3.88 -24.74
N HIS B 101 3.39 4.52 -25.16
CA HIS B 101 3.28 5.22 -26.43
C HIS B 101 3.03 6.68 -26.15
N TRP B 102 3.45 7.55 -27.05
CA TRP B 102 3.23 8.97 -26.82
C TRP B 102 2.49 9.69 -27.95
N ASN B 103 1.82 10.78 -27.57
CA ASN B 103 1.00 11.59 -28.46
C ASN B 103 1.82 12.42 -29.40
N SER B 104 2.12 11.83 -30.56
CA SER B 104 2.91 12.46 -31.59
C SER B 104 2.23 13.65 -32.22
N THR B 105 0.91 13.71 -32.10
CA THR B 105 0.16 14.82 -32.67
C THR B 105 0.19 16.05 -31.77
N LYS B 106 -0.32 15.91 -30.55
CA LYS B 106 -0.40 17.00 -29.60
C LYS B 106 0.94 17.47 -29.03
N TYR B 107 1.96 16.60 -29.04
CA TYR B 107 3.28 16.93 -28.51
C TYR B 107 4.40 16.82 -29.53
N GLU B 108 5.45 17.63 -29.35
CA GLU B 108 6.58 17.59 -30.28
C GLU B 108 7.43 16.36 -30.01
N ASN B 109 7.52 15.95 -28.75
CA ASN B 109 8.29 14.76 -28.42
C ASN B 109 7.93 14.06 -27.13
N TYR B 110 8.44 12.84 -26.98
CA TYR B 110 8.21 12.00 -25.83
C TYR B 110 8.50 12.65 -24.48
N LYS B 111 9.57 13.43 -24.42
CA LYS B 111 9.90 14.09 -23.16
C LYS B 111 8.78 15.02 -22.74
N LYS B 112 8.30 15.83 -23.69
CA LYS B 112 7.20 16.76 -23.42
C LYS B 112 5.88 16.00 -23.23
N ALA B 113 5.66 14.96 -24.01
CA ALA B 113 4.45 14.16 -23.88
C ALA B 113 4.34 13.58 -22.47
N SER B 114 5.47 13.11 -21.94
CA SER B 114 5.53 12.52 -20.60
C SER B 114 4.85 13.30 -19.47
N VAL B 115 4.89 14.63 -19.56
CA VAL B 115 4.31 15.45 -18.53
C VAL B 115 3.09 16.26 -18.93
N GLY B 116 2.76 16.28 -20.22
CA GLY B 116 1.59 17.02 -20.66
C GLY B 116 0.31 16.20 -20.63
N GLU B 117 -0.84 16.86 -20.65
CA GLU B 117 -2.10 16.12 -20.62
C GLU B 117 -2.26 15.39 -21.94
N ASN B 118 -2.80 14.17 -21.87
CA ASN B 118 -2.99 13.34 -23.05
C ASN B 118 -1.65 13.17 -23.75
N GLY B 119 -0.60 13.11 -22.96
CA GLY B 119 0.72 12.95 -23.54
C GLY B 119 1.06 11.50 -23.86
N LEU B 120 0.61 10.57 -23.03
CA LEU B 120 0.91 9.16 -23.20
C LEU B 120 -0.29 8.24 -23.15
N ALA B 121 -0.12 7.03 -23.67
CA ALA B 121 -1.15 6.01 -23.62
C ALA B 121 -0.36 4.77 -23.25
N VAL B 122 -0.71 4.14 -22.14
CA VAL B 122 0.01 2.96 -21.70
C VAL B 122 -0.89 1.71 -21.68
N ILE B 123 -0.49 0.64 -22.38
CA ILE B 123 -1.25 -0.60 -22.37
C ILE B 123 -0.61 -1.39 -21.22
N GLY B 124 -1.41 -2.04 -20.38
CA GLY B 124 -0.87 -2.80 -19.28
C GLY B 124 -1.31 -4.24 -19.46
N VAL B 125 -0.38 -5.19 -19.32
CA VAL B 125 -0.68 -6.60 -19.48
C VAL B 125 -0.30 -7.32 -18.18
N PHE B 126 -1.16 -8.17 -17.67
CA PHE B 126 -0.84 -8.84 -16.43
C PHE B 126 -0.15 -10.13 -16.82
N LEU B 127 0.90 -10.51 -16.09
CA LEU B 127 1.60 -11.77 -16.35
C LEU B 127 1.21 -12.79 -15.26
N LYS B 128 0.84 -13.99 -15.66
CA LYS B 128 0.46 -14.98 -14.67
C LYS B 128 1.30 -16.22 -14.90
N LEU B 129 1.51 -16.99 -13.83
CA LEU B 129 2.31 -18.20 -13.93
C LEU B 129 1.58 -19.26 -14.73
N GLY B 130 2.28 -19.89 -15.65
CA GLY B 130 1.67 -20.92 -16.46
C GLY B 130 2.69 -21.45 -17.42
N ALA B 131 2.30 -21.53 -18.68
CA ALA B 131 3.19 -22.05 -19.71
C ALA B 131 4.35 -21.11 -20.03
N HIS B 132 5.48 -21.70 -20.39
CA HIS B 132 6.68 -20.95 -20.74
C HIS B 132 6.30 -20.02 -21.89
N HIS B 133 6.86 -18.81 -21.88
CA HIS B 133 6.54 -17.88 -22.94
C HIS B 133 7.74 -17.71 -23.87
N GLN B 134 7.57 -18.14 -25.12
CA GLN B 134 8.61 -18.05 -26.15
C GLN B 134 9.20 -16.67 -26.44
N ALA B 135 8.36 -15.68 -26.78
CA ALA B 135 8.86 -14.31 -27.07
C ALA B 135 9.53 -13.61 -25.89
N LEU B 136 9.03 -13.89 -24.69
CA LEU B 136 9.57 -13.29 -23.47
C LEU B 136 11.00 -13.80 -23.28
N GLN B 137 11.23 -15.07 -23.59
CA GLN B 137 12.55 -15.66 -23.42
C GLN B 137 13.67 -14.84 -24.09
N LYS B 138 13.38 -14.23 -25.24
CA LYS B 138 14.38 -13.43 -25.92
C LYS B 138 14.92 -12.33 -25.01
N LEU B 139 14.08 -11.83 -24.12
CA LEU B 139 14.48 -10.80 -23.18
C LEU B 139 15.15 -11.40 -21.96
N VAL B 140 14.55 -12.48 -21.45
CA VAL B 140 15.09 -13.19 -20.28
C VAL B 140 16.56 -13.55 -20.51
N ASP B 141 16.88 -13.97 -21.73
CA ASP B 141 18.23 -14.35 -22.10
C ASP B 141 19.30 -13.26 -22.00
N VAL B 142 18.92 -11.98 -22.15
CA VAL B 142 19.90 -10.88 -22.05
C VAL B 142 19.92 -10.23 -20.67
N LEU B 143 19.02 -10.66 -19.80
CA LEU B 143 18.93 -10.10 -18.45
C LEU B 143 20.25 -10.14 -17.69
N PRO B 144 20.97 -11.28 -17.71
CA PRO B 144 22.23 -11.31 -16.98
C PRO B 144 23.22 -10.19 -17.36
N GLU B 145 23.05 -9.60 -18.54
CA GLU B 145 23.94 -8.54 -19.01
C GLU B 145 23.59 -7.19 -18.44
N VAL B 146 22.36 -7.06 -17.94
CA VAL B 146 21.88 -5.79 -17.47
C VAL B 146 21.52 -5.77 -15.98
N ARG B 147 22.24 -6.60 -15.23
CA ARG B 147 22.03 -6.78 -13.80
C ARG B 147 22.26 -5.58 -12.89
N HIS B 148 23.15 -4.66 -13.28
CA HIS B 148 23.46 -3.47 -12.48
C HIS B 148 22.76 -2.24 -12.99
N LYS B 149 22.54 -1.29 -12.11
CA LYS B 149 21.90 -0.04 -12.46
C LYS B 149 22.66 0.65 -13.61
N ASP B 150 21.91 1.24 -14.53
CA ASP B 150 22.43 1.98 -15.69
C ASP B 150 23.12 1.20 -16.80
N THR B 151 23.02 -0.11 -16.73
CA THR B 151 23.61 -1.01 -17.71
C THR B 151 22.71 -1.18 -18.96
N GLN B 152 23.32 -1.34 -20.14
CA GLN B 152 22.57 -1.55 -21.38
C GLN B 152 23.08 -2.77 -22.13
N VAL B 153 22.28 -3.24 -23.09
CA VAL B 153 22.58 -4.37 -23.94
C VAL B 153 21.87 -4.01 -25.26
N ALA B 154 22.53 -4.18 -26.39
CA ALA B 154 21.87 -3.88 -27.67
C ALA B 154 20.84 -4.98 -27.94
N MET B 155 19.80 -4.63 -28.68
CA MET B 155 18.72 -5.54 -29.02
C MET B 155 18.52 -5.61 -30.53
N GLY B 156 18.02 -6.76 -30.97
CA GLY B 156 17.69 -6.96 -32.37
C GLY B 156 16.22 -6.63 -32.51
N PRO B 157 15.62 -6.84 -33.69
CA PRO B 157 14.20 -6.55 -33.88
C PRO B 157 13.35 -7.29 -32.86
N PHE B 158 12.33 -6.61 -32.35
CA PHE B 158 11.41 -7.23 -31.39
C PHE B 158 10.05 -6.57 -31.47
N ASP B 159 9.03 -7.42 -31.62
CA ASP B 159 7.63 -7.02 -31.72
C ASP B 159 6.97 -7.19 -30.35
N PRO B 160 6.69 -6.06 -29.67
CA PRO B 160 6.07 -6.07 -28.34
C PRO B 160 4.70 -6.72 -28.37
N SER B 161 3.99 -6.62 -29.49
CA SER B 161 2.68 -7.23 -29.58
C SER B 161 2.71 -8.72 -29.39
N CYS B 162 3.90 -9.31 -29.38
CA CYS B 162 4.04 -10.74 -29.18
C CYS B 162 3.94 -11.06 -27.68
N LEU B 163 4.00 -10.01 -26.87
CA LEU B 163 3.87 -10.14 -25.42
C LEU B 163 2.42 -9.91 -24.96
N MET B 164 1.56 -9.45 -25.87
CA MET B 164 0.15 -9.21 -25.58
C MET B 164 -0.74 -10.45 -25.75
N PRO B 165 -1.86 -10.50 -25.00
CA PRO B 165 -2.75 -11.66 -25.11
C PRO B 165 -3.54 -11.64 -26.44
N ALA B 166 -4.11 -12.78 -26.79
CA ALA B 166 -4.90 -12.87 -28.03
C ALA B 166 -6.22 -12.07 -27.93
N CYS B 167 -6.92 -12.20 -26.80
CA CYS B 167 -8.14 -11.45 -26.58
C CYS B 167 -7.71 -10.06 -26.17
N ARG B 168 -8.22 -9.06 -26.87
CA ARG B 168 -7.86 -7.69 -26.61
C ARG B 168 -8.89 -6.90 -25.80
N ASP B 169 -9.73 -7.57 -25.01
CA ASP B 169 -10.72 -6.89 -24.17
C ASP B 169 -9.98 -6.10 -23.09
N TYR B 170 -10.31 -4.83 -22.93
CA TYR B 170 -9.65 -4.00 -21.93
C TYR B 170 -10.56 -3.05 -21.14
N TRP B 171 -9.94 -2.38 -20.17
CA TRP B 171 -10.59 -1.35 -19.35
C TRP B 171 -9.77 -0.11 -19.69
N THR B 172 -10.31 1.06 -19.43
CA THR B 172 -9.56 2.26 -19.72
C THR B 172 -9.97 3.36 -18.75
N TYR B 173 -9.01 4.19 -18.37
CA TYR B 173 -9.27 5.28 -17.45
C TYR B 173 -8.11 6.23 -17.46
N PRO B 174 -8.35 7.48 -17.04
CA PRO B 174 -7.32 8.52 -16.98
C PRO B 174 -6.49 8.26 -15.73
N GLY B 175 -5.17 8.30 -15.84
CA GLY B 175 -4.35 8.06 -14.68
C GLY B 175 -3.08 8.87 -14.73
N SER B 176 -2.09 8.40 -14.00
CA SER B 176 -0.80 9.09 -13.94
C SER B 176 0.30 8.07 -14.15
N LEU B 177 1.53 8.56 -14.13
CA LEU B 177 2.71 7.73 -14.25
C LEU B 177 2.82 7.10 -12.88
N THR B 178 3.34 5.89 -12.78
CA THR B 178 3.50 5.28 -11.48
C THR B 178 4.92 5.47 -10.89
N THR B 179 5.75 6.31 -11.52
CA THR B 179 7.08 6.64 -11.03
C THR B 179 7.18 8.18 -11.14
N PRO B 180 8.04 8.83 -10.34
CA PRO B 180 8.15 10.29 -10.43
C PRO B 180 8.34 10.75 -11.86
N PRO B 181 7.78 11.93 -12.21
CA PRO B 181 7.02 12.83 -11.35
C PRO B 181 5.57 12.47 -11.04
N LEU B 182 5.14 11.24 -11.34
CA LEU B 182 3.76 10.85 -11.06
C LEU B 182 2.74 11.75 -11.76
N ALA B 183 3.17 12.37 -12.86
CA ALA B 183 2.34 13.25 -13.67
C ALA B 183 1.07 12.54 -14.18
N GLU B 184 -0.02 13.31 -14.30
CA GLU B 184 -1.30 12.78 -14.77
C GLU B 184 -1.43 13.07 -16.26
N SER B 185 -0.75 12.25 -17.05
CA SER B 185 -0.70 12.42 -18.50
C SER B 185 -0.99 11.14 -19.28
N VAL B 186 -1.42 10.10 -18.58
CA VAL B 186 -1.64 8.78 -19.17
C VAL B 186 -3.08 8.34 -19.35
N THR B 187 -3.37 7.77 -20.53
CA THR B 187 -4.68 7.18 -20.79
C THR B 187 -4.32 5.72 -20.58
N TRP B 188 -4.94 5.09 -19.60
CA TRP B 188 -4.63 3.71 -19.32
C TRP B 188 -5.50 2.72 -20.06
N ILE B 189 -4.87 1.69 -20.59
CA ILE B 189 -5.54 0.63 -21.31
C ILE B 189 -4.97 -0.62 -20.67
N VAL B 190 -5.78 -1.32 -19.88
CA VAL B 190 -5.34 -2.50 -19.18
C VAL B 190 -6.03 -3.70 -19.78
N GLN B 191 -5.26 -4.68 -20.21
CA GLN B 191 -5.84 -5.86 -20.82
C GLN B 191 -6.42 -6.76 -19.77
N LYS B 192 -7.63 -7.26 -20.06
CA LYS B 192 -8.36 -8.13 -19.16
C LYS B 192 -7.75 -9.52 -19.01
N THR B 193 -7.23 -10.05 -20.12
CA THR B 193 -6.63 -11.38 -20.17
C THR B 193 -5.11 -11.36 -19.92
N PRO B 194 -4.65 -12.01 -18.84
CA PRO B 194 -3.21 -12.05 -18.57
C PRO B 194 -2.52 -13.04 -19.52
N VAL B 195 -1.20 -12.91 -19.69
CA VAL B 195 -0.46 -13.86 -20.53
C VAL B 195 0.38 -14.72 -19.60
N GLU B 196 0.42 -16.02 -19.86
CA GLU B 196 1.20 -16.93 -19.02
C GLU B 196 2.70 -16.90 -19.30
N VAL B 197 3.47 -16.92 -18.23
CA VAL B 197 4.94 -16.93 -18.29
C VAL B 197 5.32 -18.03 -17.32
N SER B 198 6.53 -18.54 -17.46
CA SER B 198 7.03 -19.62 -16.61
C SER B 198 7.66 -19.07 -15.33
N PRO B 199 7.67 -19.88 -14.25
CA PRO B 199 8.27 -19.49 -12.96
C PRO B 199 9.73 -19.04 -13.17
N SER B 200 10.49 -19.86 -13.88
CA SER B 200 11.90 -19.60 -14.20
C SER B 200 12.17 -18.31 -14.97
N GLN B 201 11.22 -17.86 -15.77
CA GLN B 201 11.40 -16.63 -16.53
C GLN B 201 11.21 -15.45 -15.60
N LEU B 202 10.23 -15.59 -14.72
CA LEU B 202 9.86 -14.57 -13.74
C LEU B 202 10.94 -14.41 -12.65
N SER B 203 11.56 -15.52 -12.27
CA SER B 203 12.61 -15.54 -11.27
C SER B 203 13.80 -14.69 -11.74
N MET B 204 14.16 -14.83 -13.01
CA MET B 204 15.27 -14.09 -13.60
C MET B 204 15.12 -12.57 -13.46
N PHE B 205 13.89 -12.09 -13.28
CA PHE B 205 13.62 -10.66 -13.12
C PHE B 205 14.21 -10.21 -11.78
N ARG B 206 14.07 -11.06 -10.77
CA ARG B 206 14.53 -10.77 -9.41
C ARG B 206 16.05 -10.92 -9.21
N THR B 207 16.77 -10.96 -10.33
CA THR B 207 18.21 -11.09 -10.41
C THR B 207 18.80 -9.70 -10.60
N LEU B 208 17.96 -8.78 -11.04
CA LEU B 208 18.41 -7.43 -11.26
C LEU B 208 18.61 -6.78 -9.91
N LEU B 209 19.35 -5.68 -9.91
CA LEU B 209 19.65 -4.96 -8.69
C LEU B 209 19.32 -3.47 -8.89
N PHE B 210 19.06 -2.81 -7.77
CA PHE B 210 18.77 -1.38 -7.74
C PHE B 210 20.10 -0.64 -7.74
N SER B 211 21.12 -1.31 -7.19
CA SER B 211 22.49 -0.80 -7.05
C SER B 211 23.39 -0.84 -8.28
N GLY B 212 24.40 0.02 -8.26
CA GLY B 212 25.36 0.07 -9.36
C GLY B 212 26.47 -0.93 -9.13
N ARG B 213 27.53 -0.86 -9.94
CA ARG B 213 28.67 -1.77 -9.80
C ARG B 213 29.51 -1.30 -8.61
N GLY B 214 29.97 -2.24 -7.80
CA GLY B 214 30.78 -1.87 -6.66
C GLY B 214 29.95 -1.54 -5.43
N GLU B 215 28.70 -1.14 -5.65
CA GLU B 215 27.78 -0.82 -4.56
C GLU B 215 27.31 -2.11 -3.93
N GLU B 216 26.83 -1.99 -2.70
CA GLU B 216 26.26 -3.10 -1.97
C GLU B 216 25.18 -3.78 -2.83
N GLU B 217 25.12 -5.10 -2.80
CA GLU B 217 24.13 -5.81 -3.60
C GLU B 217 22.73 -5.50 -3.08
N ASP B 218 22.00 -4.67 -3.82
CA ASP B 218 20.64 -4.29 -3.45
C ASP B 218 19.63 -4.79 -4.50
N VAL B 219 19.05 -5.95 -4.24
CA VAL B 219 18.11 -6.62 -5.15
C VAL B 219 16.87 -5.87 -5.66
N MET B 220 16.62 -5.99 -6.96
CA MET B 220 15.49 -5.35 -7.62
C MET B 220 14.18 -6.15 -7.54
N VAL B 221 13.41 -5.87 -6.49
CA VAL B 221 12.13 -6.52 -6.27
C VAL B 221 11.16 -5.49 -5.68
N ASN B 222 9.86 -5.76 -5.79
CA ASN B 222 8.80 -4.91 -5.27
C ASN B 222 8.89 -3.49 -5.82
N ASN B 223 9.00 -3.39 -7.14
CA ASN B 223 9.08 -2.09 -7.77
C ASN B 223 7.73 -1.65 -8.39
N TYR B 224 6.67 -1.78 -7.60
CA TYR B 224 5.33 -1.39 -8.01
C TYR B 224 4.87 -0.29 -7.06
N ARG B 225 4.00 0.61 -7.52
CA ARG B 225 3.47 1.66 -6.67
C ARG B 225 2.18 1.12 -6.07
N PRO B 226 1.87 1.48 -4.83
CA PRO B 226 0.64 0.95 -4.27
C PRO B 226 -0.63 1.58 -4.86
N LEU B 227 -1.75 0.89 -4.67
CA LEU B 227 -3.06 1.27 -5.18
C LEU B 227 -3.56 2.63 -4.75
N GLN B 228 -4.01 3.41 -5.73
CA GLN B 228 -4.55 4.73 -5.50
C GLN B 228 -6.07 4.60 -5.63
N PRO B 229 -6.81 5.54 -5.03
CA PRO B 229 -8.28 5.49 -5.12
C PRO B 229 -8.82 6.00 -6.48
N LEU B 230 -9.82 5.31 -7.01
CA LEU B 230 -10.43 5.66 -8.30
C LEU B 230 -10.96 7.07 -8.35
N ARG B 231 -11.58 7.49 -7.25
CA ARG B 231 -12.16 8.82 -7.12
C ARG B 231 -13.43 9.01 -7.96
N ASP B 232 -13.42 10.04 -8.78
CA ASP B 232 -14.55 10.41 -9.61
C ASP B 232 -14.40 9.98 -11.07
N ARG B 233 -13.35 9.21 -11.36
CA ARG B 233 -13.04 8.76 -12.71
C ARG B 233 -13.90 7.62 -13.27
N LYS B 234 -14.16 7.70 -14.58
CA LYS B 234 -14.95 6.68 -15.27
C LYS B 234 -14.11 5.48 -15.69
N LEU B 235 -14.37 4.32 -15.09
CA LEU B 235 -13.64 3.14 -15.46
C LEU B 235 -14.45 2.42 -16.53
N ARG B 236 -14.15 2.72 -17.80
CA ARG B 236 -14.84 2.13 -18.94
C ARG B 236 -14.31 0.76 -19.33
N SER B 237 -15.18 -0.09 -19.87
CA SER B 237 -14.75 -1.40 -20.33
C SER B 237 -15.11 -1.47 -21.81
N SER B 238 -14.34 -2.23 -22.57
CA SER B 238 -14.58 -2.36 -24.00
C SER B 238 -15.43 -3.59 -24.28
N PHE B 239 -15.78 -4.32 -23.23
CA PHE B 239 -16.55 -5.55 -23.37
C PHE B 239 -17.78 -5.54 -22.48
N ARG B 240 -18.80 -6.30 -22.88
CA ARG B 240 -20.05 -6.42 -22.13
C ARG B 240 -19.86 -7.35 -20.94
#